data_4YYB
#
_entry.id   4YYB
#
_cell.length_a   114.387
_cell.length_b   114.387
_cell.length_c   166.049
_cell.angle_alpha   90.00
_cell.angle_beta   90.00
_cell.angle_gamma   120.00
#
_symmetry.space_group_name_H-M   'P 63'
#
loop_
_entity.id
_entity.type
_entity.pdbx_description
1 polymer HA1
2 polymer HA2
3 branched 'N-acetyl-alpha-neuraminic acid-(2-6)-beta-D-galactopyranose'
4 branched beta-D-mannopyranose-(1-4)-2-acetamido-2-deoxy-beta-D-glucopyranose-(1-4)-2-acetamido-2-deoxy-beta-D-glucopyranose
5 non-polymer 2-acetamido-2-deoxy-beta-D-glucopyranose
6 water water
#
loop_
_entity_poly.entity_id
_entity_poly.type
_entity_poly.pdbx_seq_one_letter_code
_entity_poly.pdbx_strand_id
1 'polypeptide(L)'
;DKICIGYHANNSTTQVDTLLEKNVTVTHSVELLENQKEKRFCKIMNKAPLDLKDCTIEGWILGNPKCDLLLGDQSWSYIV
ERPNAQNGICYPGVLNELEELKAFIGSGERVERFEMFPKSTWAGVDTSRGVTNACPSYTLDSSFYRNLVWLVKTDSATYP
VIKGTYNNTGTQPILYFWGVHHPLDTTVQDNLYGSGDKYVRMGTESMNFAKSPEIAARPAVNGQRSRIDYYWSVLRPGET
LNVESNGNLIAPWYAYKFVSTNKKGAVFKSDLPIENCDATCQTITGVLRTNKTFQNVSPLWIGECPKYVKSESLRLATGL
RNVPQ
;
A
2 'polypeptide(L)'
;GIFGAIAGFIEGGWTGMIDGWYGYHHENSQGSGYAADRESTQKAIDGITNKVNSIINKMNTQFEAVDHEFSNLERRIGNL
NKRMEDGFLDVWTYNAELLVLLENERTLDLHDANVKNLYEKVKSQLRDNANDLGNGCFEFWHKCDNECMESVKNGTYDYP
KY
;
B
#
# COMPACT_ATOMS: atom_id res chain seq x y z
N ASP A 1 -26.02 -46.29 -35.06
CA ASP A 1 -25.78 -46.15 -33.62
C ASP A 1 -24.36 -45.67 -33.35
N LYS A 2 -24.23 -44.56 -32.63
CA LYS A 2 -22.91 -43.97 -32.48
C LYS A 2 -22.70 -43.23 -31.17
N ILE A 3 -21.44 -43.17 -30.75
CA ILE A 3 -21.07 -42.40 -29.58
C ILE A 3 -19.85 -41.53 -29.91
N CYS A 4 -19.92 -40.26 -29.55
CA CYS A 4 -18.85 -39.32 -29.85
C CYS A 4 -18.21 -38.81 -28.59
N ILE A 5 -16.93 -38.47 -28.66
CA ILE A 5 -16.25 -37.83 -27.55
C ILE A 5 -16.02 -36.36 -27.93
N GLY A 6 -16.23 -35.45 -26.99
CA GLY A 6 -16.06 -34.04 -27.29
C GLY A 6 -15.90 -33.19 -26.05
N TYR A 7 -15.95 -31.89 -26.26
CA TYR A 7 -15.63 -30.94 -25.20
C TYR A 7 -16.57 -29.73 -25.20
N HIS A 8 -16.61 -29.06 -24.06
CA HIS A 8 -17.47 -27.90 -23.83
C HIS A 8 -17.14 -26.70 -24.72
N ALA A 9 -18.19 -26.06 -25.26
CA ALA A 9 -18.09 -24.74 -25.87
C ALA A 9 -19.18 -23.85 -25.29
N ASN A 10 -19.00 -22.54 -25.33
CA ASN A 10 -20.03 -21.63 -24.80
C ASN A 10 -19.98 -20.29 -25.52
N ASN A 11 -20.64 -19.27 -24.97
CA ASN A 11 -20.75 -17.99 -25.67
C ASN A 11 -19.71 -16.96 -25.21
N SER A 12 -18.67 -17.44 -24.52
CA SER A 12 -17.61 -16.58 -23.99
C SER A 12 -16.82 -15.88 -25.10
N THR A 13 -16.51 -14.60 -24.89
CA THR A 13 -15.65 -13.85 -25.81
C THR A 13 -14.40 -13.38 -25.08
N THR A 14 -14.27 -13.81 -23.83
CA THR A 14 -13.15 -13.45 -23.00
C THR A 14 -11.88 -14.17 -23.46
N GLN A 15 -10.77 -13.43 -23.56
CA GLN A 15 -9.55 -13.99 -24.13
C GLN A 15 -8.37 -13.98 -23.16
N VAL A 16 -7.39 -14.82 -23.44
CA VAL A 16 -6.14 -14.86 -22.69
C VAL A 16 -4.98 -14.91 -23.67
N ASP A 17 -3.78 -14.64 -23.15
CA ASP A 17 -2.57 -14.77 -23.95
C ASP A 17 -1.74 -15.94 -23.44
N THR A 18 -1.05 -16.62 -24.35
CA THR A 18 -0.10 -17.66 -23.98
C THR A 18 1.26 -17.32 -24.59
N LEU A 19 2.28 -18.11 -24.26
CA LEU A 19 3.60 -17.92 -24.85
C LEU A 19 3.57 -18.12 -26.37
N LEU A 20 2.74 -19.05 -26.84
CA LEU A 20 2.69 -19.39 -28.26
C LEU A 20 1.66 -18.60 -29.06
N GLU A 21 0.71 -17.96 -28.38
CA GLU A 21 -0.47 -17.44 -29.06
C GLU A 21 -1.13 -16.30 -28.30
N LYS A 22 -1.43 -15.21 -28.98
CA LYS A 22 -2.16 -14.10 -28.37
C LYS A 22 -3.65 -14.20 -28.66
N ASN A 23 -4.46 -13.61 -27.79
CA ASN A 23 -5.88 -13.43 -28.10
C ASN A 23 -6.62 -14.75 -28.35
N VAL A 24 -6.55 -15.65 -27.37
CA VAL A 24 -7.22 -16.95 -27.45
C VAL A 24 -8.47 -16.94 -26.58
N THR A 25 -9.63 -17.12 -27.22
CA THR A 25 -10.90 -17.16 -26.49
C THR A 25 -10.99 -18.45 -25.68
N VAL A 26 -11.35 -18.34 -24.41
CA VAL A 26 -11.47 -19.51 -23.55
C VAL A 26 -12.83 -19.53 -22.86
N THR A 27 -13.28 -20.74 -22.52
CA THR A 27 -14.61 -20.95 -21.98
C THR A 27 -14.73 -20.37 -20.58
N HIS A 28 -13.67 -20.49 -19.80
CA HIS A 28 -13.63 -19.95 -18.45
C HIS A 28 -12.24 -19.40 -18.14
N SER A 29 -12.21 -18.32 -17.37
CA SER A 29 -10.97 -17.70 -16.96
C SER A 29 -11.19 -16.86 -15.72
N VAL A 30 -10.11 -16.49 -15.05
CA VAL A 30 -10.20 -15.62 -13.89
C VAL A 30 -9.20 -14.47 -14.06
N GLU A 31 -9.64 -13.26 -13.76
CA GLU A 31 -8.78 -12.06 -13.77
C GLU A 31 -8.17 -11.89 -12.39
N LEU A 32 -6.86 -11.70 -12.34
CA LEU A 32 -6.13 -11.67 -11.07
C LEU A 32 -5.72 -10.26 -10.64
N LEU A 33 -5.83 -9.30 -11.55
CA LEU A 33 -5.39 -7.92 -11.28
C LEU A 33 -6.55 -6.94 -11.13
N GLU A 34 -6.46 -6.08 -10.10
CA GLU A 34 -7.39 -4.97 -9.90
C GLU A 34 -6.89 -3.64 -10.43
N ASN A 35 -7.71 -2.95 -11.21
CA ASN A 35 -7.34 -1.62 -11.69
C ASN A 35 -8.35 -0.53 -11.29
N GLN A 36 -9.21 -0.84 -10.33
CA GLN A 36 -10.29 0.04 -9.90
C GLN A 36 -10.09 0.60 -8.49
N LYS A 37 -10.26 1.90 -8.33
CA LYS A 37 -10.11 2.61 -7.04
C LYS A 37 -11.34 3.45 -6.72
N GLU A 38 -11.63 3.61 -5.42
CA GLU A 38 -12.51 4.69 -4.96
C GLU A 38 -11.61 5.88 -4.60
N LYS A 39 -11.73 6.97 -5.36
CA LYS A 39 -10.84 8.13 -5.17
C LYS A 39 -11.14 8.94 -3.92
N ARG A 40 -10.84 8.34 -2.77
CA ARG A 40 -11.11 8.95 -1.48
C ARG A 40 -10.34 8.26 -0.37
N PHE A 41 -10.22 8.93 0.78
CA PHE A 41 -9.60 8.32 1.95
C PHE A 41 -10.68 7.84 2.93
N CYS A 42 -10.45 6.69 3.54
CA CYS A 42 -11.40 6.10 4.46
C CYS A 42 -10.70 5.73 5.77
N LYS A 43 -11.45 5.20 6.73
CA LYS A 43 -10.86 4.75 7.98
C LYS A 43 -10.17 3.40 7.80
N ILE A 44 -9.11 3.16 8.55
CA ILE A 44 -8.39 1.90 8.53
C ILE A 44 -8.45 1.27 9.91
N MET A 45 -8.97 0.03 9.99
CA MET A 45 -9.22 -0.64 11.27
C MET A 45 -10.25 0.19 12.05
N ASN A 46 -11.20 0.74 11.29
CA ASN A 46 -12.18 1.72 11.79
C ASN A 46 -11.65 2.67 12.87
N LYS A 47 -10.43 3.13 12.60
CA LYS A 47 -9.80 4.35 13.14
C LYS A 47 -9.54 5.36 12.01
N ALA A 48 -9.95 6.60 12.22
CA ALA A 48 -9.93 7.65 11.18
C ALA A 48 -8.54 8.21 10.91
N PRO A 49 -8.32 8.72 9.68
CA PRO A 49 -7.07 9.40 9.35
C PRO A 49 -7.05 10.84 9.85
N LEU A 50 -5.86 11.39 10.10
CA LEU A 50 -5.72 12.76 10.55
C LEU A 50 -5.52 13.71 9.37
N ASP A 51 -6.55 14.47 9.05
CA ASP A 51 -6.48 15.52 8.03
C ASP A 51 -5.77 16.75 8.61
N LEU A 52 -4.74 17.24 7.93
CA LEU A 52 -3.99 18.38 8.42
C LEU A 52 -4.73 19.65 8.02
N LYS A 53 -5.49 19.55 6.92
CA LYS A 53 -6.14 20.69 6.28
C LYS A 53 -5.01 21.64 5.94
N ASP A 54 -5.13 22.88 6.40
CA ASP A 54 -4.33 24.00 5.88
C ASP A 54 -3.00 24.13 6.62
N CYS A 55 -2.65 23.11 7.40
CA CYS A 55 -1.38 23.07 8.09
C CYS A 55 -0.45 21.99 7.53
N THR A 56 0.84 22.29 7.47
CA THR A 56 1.85 21.28 7.13
C THR A 56 2.17 20.49 8.39
N ILE A 57 3.01 19.46 8.25
CA ILE A 57 3.43 18.68 9.42
C ILE A 57 4.18 19.55 10.43
N GLU A 58 5.08 20.39 9.96
CA GLU A 58 5.86 21.25 10.85
C GLU A 58 4.98 22.22 11.62
N GLY A 59 4.02 22.86 10.94
CA GLY A 59 3.12 23.79 11.58
C GLY A 59 2.25 23.14 12.63
N TRP A 60 1.76 21.94 12.33
CA TRP A 60 0.93 21.21 13.27
C TRP A 60 1.70 20.87 14.54
N ILE A 61 2.89 20.33 14.37
CA ILE A 61 3.58 19.74 15.51
C ILE A 61 4.39 20.78 16.28
N LEU A 62 4.73 21.90 15.64
CA LEU A 62 5.37 23.01 16.34
C LEU A 62 4.33 23.83 17.10
N GLY A 63 3.08 23.75 16.65
CA GLY A 63 2.02 24.52 17.28
C GLY A 63 1.90 25.91 16.70
N ASN A 64 2.05 26.02 15.39
CA ASN A 64 1.72 27.25 14.66
C ASN A 64 0.34 27.73 15.10
N PRO A 65 0.22 29.01 15.46
CA PRO A 65 -1.02 29.57 16.02
C PRO A 65 -2.24 29.40 15.11
N LYS A 66 -2.02 29.36 13.80
CA LYS A 66 -3.11 29.17 12.86
C LYS A 66 -3.50 27.70 12.69
N CYS A 67 -2.98 26.83 13.55
CA CYS A 67 -3.30 25.40 13.51
C CYS A 67 -4.02 24.95 14.78
N ASP A 68 -4.73 25.88 15.43
CA ASP A 68 -5.35 25.60 16.72
C ASP A 68 -6.43 24.52 16.64
N LEU A 69 -7.04 24.37 15.46
CA LEU A 69 -8.00 23.29 15.23
C LEU A 69 -7.39 21.92 15.57
N LEU A 70 -6.11 21.75 15.24
CA LEU A 70 -5.42 20.48 15.45
C LEU A 70 -4.82 20.34 16.84
N LEU A 71 -4.57 21.48 17.49
CA LEU A 71 -3.81 21.53 18.73
C LEU A 71 -4.33 20.61 19.83
N GLY A 72 -3.42 19.88 20.46
CA GLY A 72 -3.78 18.92 21.50
C GLY A 72 -3.61 17.46 21.11
N ASP A 73 -4.38 16.60 21.76
CA ASP A 73 -4.34 15.16 21.55
C ASP A 73 -4.88 14.77 20.18
N GLN A 74 -4.21 13.80 19.55
CA GLN A 74 -4.68 13.23 18.27
C GLN A 74 -4.42 11.73 18.19
N SER A 75 -5.37 11.01 17.61
CA SER A 75 -5.17 9.62 17.23
C SER A 75 -5.41 9.49 15.73
N TRP A 76 -4.60 8.65 15.06
CA TRP A 76 -4.75 8.49 13.63
C TRP A 76 -4.28 7.12 13.14
N SER A 77 -4.87 6.69 12.03
CA SER A 77 -4.45 5.47 11.34
C SER A 77 -3.43 5.81 10.24
N TYR A 78 -3.46 7.08 9.81
CA TYR A 78 -2.45 7.65 8.91
C TYR A 78 -2.69 9.14 8.77
N ILE A 79 -1.73 9.85 8.18
CA ILE A 79 -1.81 11.29 8.10
C ILE A 79 -1.92 11.77 6.65
N VAL A 80 -2.85 12.69 6.41
CA VAL A 80 -3.01 13.29 5.09
C VAL A 80 -2.54 14.75 5.13
N GLU A 81 -1.47 15.04 4.41
CA GLU A 81 -0.98 16.40 4.32
C GLU A 81 -1.39 16.95 2.96
N ARG A 82 -1.97 18.14 2.96
CA ARG A 82 -2.46 18.75 1.72
C ARG A 82 -1.35 19.51 1.02
N PRO A 83 -1.27 19.39 -0.31
CA PRO A 83 -0.18 20.00 -1.10
C PRO A 83 -0.13 21.53 -1.02
N ASN A 84 -1.26 22.18 -0.75
CA ASN A 84 -1.28 23.64 -0.70
C ASN A 84 -1.44 24.21 0.71
N ALA A 85 -0.97 23.46 1.71
CA ALA A 85 -0.99 23.94 3.09
C ALA A 85 -0.08 25.15 3.24
N GLN A 86 -0.60 26.21 3.85
CA GLN A 86 0.11 27.49 3.94
C GLN A 86 0.74 27.69 5.30
N ASN A 87 0.17 27.02 6.31
CA ASN A 87 0.59 27.24 7.69
C ASN A 87 1.64 26.23 8.15
N GLY A 88 2.90 26.57 7.93
CA GLY A 88 4.01 25.71 8.35
C GLY A 88 4.90 26.43 9.32
N ILE A 89 6.18 26.52 8.98
CA ILE A 89 7.12 27.29 9.77
C ILE A 89 6.95 28.77 9.43
N CYS A 90 6.32 29.52 10.33
CA CYS A 90 5.96 30.91 10.05
C CYS A 90 7.15 31.84 10.26
N TYR A 91 7.84 31.72 11.39
CA TYR A 91 9.08 32.46 11.62
C TYR A 91 10.22 31.69 10.96
N PRO A 92 10.80 32.28 9.91
CA PRO A 92 11.75 31.61 9.01
C PRO A 92 12.85 30.86 9.74
N GLY A 93 13.20 29.70 9.21
CA GLY A 93 14.25 28.89 9.79
C GLY A 93 14.17 27.44 9.36
N VAL A 94 15.22 26.70 9.67
CA VAL A 94 15.29 25.29 9.34
C VAL A 94 14.88 24.42 10.54
N LEU A 95 14.00 23.46 10.30
CA LEU A 95 13.76 22.40 11.29
C LEU A 95 14.78 21.29 11.03
N ASN A 96 15.69 21.10 11.99
CA ASN A 96 16.75 20.14 11.84
C ASN A 96 16.25 18.70 11.80
N GLU A 97 16.85 17.89 10.94
CA GLU A 97 16.47 16.50 10.76
C GLU A 97 14.99 16.37 10.46
N LEU A 98 14.51 17.18 9.54
CA LEU A 98 13.09 17.21 9.18
C LEU A 98 12.59 15.87 8.63
N GLU A 99 13.40 15.24 7.77
CA GLU A 99 12.96 14.02 7.10
C GLU A 99 12.89 12.86 8.10
N GLU A 100 13.83 12.84 9.05
CA GLU A 100 13.77 11.86 10.12
C GLU A 100 12.58 12.12 11.07
N LEU A 101 12.20 13.38 11.25
CA LEU A 101 11.04 13.71 12.05
C LEU A 101 9.75 13.19 11.42
N LYS A 102 9.59 13.44 10.13
CA LYS A 102 8.40 12.96 9.43
C LYS A 102 8.30 11.44 9.49
N ALA A 103 9.46 10.77 9.42
CA ALA A 103 9.47 9.31 9.46
C ALA A 103 9.09 8.82 10.84
N PHE A 104 9.55 9.55 11.85
CA PHE A 104 9.24 9.19 13.24
C PHE A 104 7.76 9.34 13.52
N ILE A 105 7.18 10.47 13.11
CA ILE A 105 5.77 10.74 13.30
C ILE A 105 4.92 9.74 12.51
N GLY A 106 5.33 9.44 11.28
CA GLY A 106 4.65 8.44 10.48
C GLY A 106 4.56 7.08 11.16
N SER A 107 5.53 6.76 12.00
CA SER A 107 5.53 5.49 12.74
C SER A 107 4.65 5.53 13.98
N GLY A 108 3.87 6.60 14.14
CA GLY A 108 3.08 6.81 15.33
C GLY A 108 1.59 6.61 15.14
N GLU A 109 0.88 6.69 16.26
CA GLU A 109 -0.52 6.30 16.33
C GLU A 109 -1.36 7.32 17.11
N ARG A 110 -0.71 7.98 18.05
CA ARG A 110 -1.39 8.84 18.99
C ARG A 110 -0.41 9.78 19.68
N VAL A 111 -0.79 11.05 19.84
CA VAL A 111 0.00 11.95 20.66
C VAL A 111 -0.86 12.56 21.76
N GLU A 112 -0.32 12.63 22.97
CA GLU A 112 -0.93 13.40 24.04
C GLU A 112 -0.11 14.66 24.29
N ARG A 113 -0.69 15.82 24.05
CA ARG A 113 -0.04 17.08 24.40
C ARG A 113 -0.10 17.31 25.90
N PHE A 114 0.99 17.81 26.46
CA PHE A 114 1.06 18.14 27.88
C PHE A 114 2.09 19.22 28.12
N GLU A 115 1.99 19.92 29.25
CA GLU A 115 2.92 21.00 29.56
C GLU A 115 4.21 20.44 30.15
N MET A 116 5.31 20.58 29.41
CA MET A 116 6.59 20.01 29.80
C MET A 116 7.36 20.96 30.71
N PHE A 117 7.54 22.19 30.26
CA PHE A 117 8.15 23.24 31.07
C PHE A 117 7.22 24.44 31.16
N PRO A 118 6.53 24.60 32.31
CA PRO A 118 5.72 25.79 32.56
C PRO A 118 6.58 27.04 32.44
N LYS A 119 6.02 28.16 31.99
CA LYS A 119 6.80 29.38 31.79
C LYS A 119 7.55 29.79 33.07
N SER A 120 7.00 29.39 34.22
CA SER A 120 7.57 29.74 35.51
C SER A 120 8.78 28.89 35.88
N THR A 121 9.34 28.23 34.89
CA THR A 121 10.45 27.35 35.09
C THR A 121 11.71 28.15 35.01
N TRP A 122 11.66 29.16 34.16
CA TRP A 122 12.85 29.93 33.80
C TRP A 122 12.98 31.20 34.64
N ALA A 123 13.91 31.16 35.59
CA ALA A 123 14.05 32.19 36.63
C ALA A 123 14.74 33.47 36.17
N GLY A 124 14.05 34.58 36.32
CA GLY A 124 14.65 35.90 36.13
C GLY A 124 14.59 36.41 34.71
N VAL A 125 13.57 36.01 33.96
CA VAL A 125 13.51 36.36 32.54
C VAL A 125 12.05 36.53 32.12
N ASP A 126 11.84 37.13 30.95
CA ASP A 126 10.48 37.41 30.52
C ASP A 126 9.95 36.35 29.55
N THR A 127 8.73 35.88 29.83
CA THR A 127 8.12 34.79 29.07
C THR A 127 6.81 35.22 28.43
N SER A 128 6.58 36.53 28.30
CA SER A 128 5.27 37.00 27.85
C SER A 128 5.34 37.93 26.65
N ARG A 129 6.55 38.22 26.18
CA ARG A 129 6.70 39.13 25.05
C ARG A 129 7.31 38.45 23.84
N GLY A 130 7.40 37.12 23.89
CA GLY A 130 7.91 36.34 22.78
C GLY A 130 6.90 36.12 21.68
N VAL A 131 6.53 37.20 21.00
CA VAL A 131 5.61 37.13 19.87
C VAL A 131 6.23 37.78 18.65
N THR A 132 5.55 37.69 17.51
CA THR A 132 6.09 38.24 16.26
C THR A 132 5.00 38.31 15.19
N ASN A 133 5.13 39.27 14.27
CA ASN A 133 4.13 39.46 13.23
C ASN A 133 4.31 38.44 12.11
N ALA A 134 5.41 37.70 12.15
CA ALA A 134 5.63 36.61 11.22
C ALA A 134 4.70 35.46 11.55
N CYS A 135 4.31 35.37 12.81
CA CYS A 135 3.44 34.31 13.28
C CYS A 135 2.10 34.81 13.82
N PRO A 136 1.24 35.34 12.94
CA PRO A 136 -0.10 35.73 13.41
C PRO A 136 -0.95 34.54 13.81
N SER A 137 -1.85 34.71 14.77
CA SER A 137 -2.93 33.76 14.97
C SER A 137 -4.12 34.26 14.16
N TYR A 138 -5.31 33.77 14.47
CA TYR A 138 -6.48 34.18 13.69
C TYR A 138 -7.11 35.43 14.30
N THR A 139 -6.59 35.82 15.47
CA THR A 139 -7.10 36.98 16.19
C THR A 139 -6.01 38.02 16.45
N LEU A 140 -4.83 37.56 16.89
CA LEU A 140 -3.69 38.48 17.10
C LEU A 140 -2.84 38.58 15.85
N ASP A 141 -2.24 39.74 15.63
CA ASP A 141 -1.37 39.94 14.48
C ASP A 141 0.05 39.48 14.79
N SER A 142 0.35 39.37 16.08
CA SER A 142 1.66 38.90 16.52
C SER A 142 1.55 37.87 17.63
N SER A 143 1.80 36.61 17.28
CA SER A 143 1.76 35.52 18.25
C SER A 143 3.00 34.65 18.10
N PHE A 144 2.92 33.40 18.56
CA PHE A 144 4.04 32.46 18.46
C PHE A 144 3.57 31.02 18.58
N TYR A 145 4.49 30.08 18.33
CA TYR A 145 4.21 28.66 18.45
C TYR A 145 3.72 28.30 19.85
N ARG A 146 2.57 27.63 19.91
CA ARG A 146 1.96 27.27 21.18
C ARG A 146 2.77 26.22 21.95
N ASN A 147 3.70 25.54 21.27
CA ASN A 147 4.51 24.52 21.91
C ASN A 147 5.90 25.03 22.27
N LEU A 148 6.19 26.27 21.89
CA LEU A 148 7.46 26.88 22.22
C LEU A 148 7.25 28.20 22.95
N VAL A 149 8.28 28.67 23.64
CA VAL A 149 8.19 29.99 24.23
C VAL A 149 9.48 30.78 23.99
N TRP A 150 9.32 31.88 23.27
CA TRP A 150 10.43 32.78 22.95
C TRP A 150 10.80 33.64 24.18
N LEU A 151 11.87 33.28 24.85
CA LEU A 151 12.33 33.97 26.06
C LEU A 151 13.15 35.20 25.75
N VAL A 152 12.83 36.31 26.41
CA VAL A 152 13.56 37.56 26.25
C VAL A 152 13.98 38.10 27.61
N LYS A 153 15.06 38.90 27.64
CA LYS A 153 15.47 39.62 28.85
C LYS A 153 14.35 40.47 29.45
N THR A 154 14.39 40.64 30.76
CA THR A 154 13.49 41.59 31.42
C THR A 154 14.06 42.97 31.54
N ASP A 155 13.17 43.89 31.88
CA ASP A 155 13.51 45.25 32.34
C ASP A 155 14.90 45.83 31.94
N SER A 156 16.02 45.27 32.37
CA SER A 156 17.34 45.91 32.28
C SER A 156 18.48 44.96 32.58
N ALA A 157 18.20 44.09 33.54
CA ALA A 157 19.12 43.09 33.97
C ALA A 157 19.67 42.27 32.84
N THR A 158 20.93 41.85 32.95
CA THR A 158 21.46 40.92 31.97
C THR A 158 20.63 39.63 32.01
N TYR A 159 20.35 39.05 30.85
CA TYR A 159 19.68 37.76 30.75
C TYR A 159 20.59 36.74 31.43
N PRO A 160 20.13 36.16 32.55
CA PRO A 160 20.94 35.26 33.38
C PRO A 160 20.98 33.82 32.86
N VAL A 161 21.68 32.96 33.59
CA VAL A 161 21.63 31.53 33.31
C VAL A 161 20.32 30.96 33.84
N ILE A 162 19.55 30.33 32.96
CA ILE A 162 18.33 29.65 33.38
C ILE A 162 18.49 28.15 33.25
N LYS A 163 17.68 27.40 34.01
CA LYS A 163 17.79 25.95 33.99
C LYS A 163 16.41 25.33 34.06
N GLY A 164 16.28 24.15 33.46
CA GLY A 164 15.04 23.40 33.49
C GLY A 164 15.35 21.92 33.55
N THR A 165 14.43 21.16 34.13
CA THR A 165 14.62 19.72 34.25
C THR A 165 13.28 19.00 34.15
N TYR A 166 13.30 17.83 33.52
CA TYR A 166 12.13 16.99 33.42
C TYR A 166 12.58 15.51 33.41
N ASN A 167 12.23 14.76 34.46
CA ASN A 167 12.45 13.32 34.44
C ASN A 167 11.15 12.67 33.92
N ASN A 168 11.25 12.09 32.72
CA ASN A 168 10.18 11.26 32.16
C ASN A 168 9.94 10.04 33.02
N THR A 169 8.90 10.08 33.84
CA THR A 169 8.59 8.98 34.75
C THR A 169 7.56 8.03 34.16
N GLY A 170 6.93 8.45 33.07
CA GLY A 170 5.92 7.66 32.40
C GLY A 170 6.48 6.50 31.60
N THR A 171 5.59 5.82 30.88
CA THR A 171 5.90 4.62 30.11
C THR A 171 6.06 4.90 28.60
N GLN A 172 5.79 6.13 28.20
CA GLN A 172 5.80 6.52 26.79
C GLN A 172 6.91 7.53 26.48
N PRO A 173 7.58 7.36 25.32
CA PRO A 173 8.56 8.36 24.90
C PRO A 173 7.92 9.73 24.70
N ILE A 174 8.70 10.79 24.84
CA ILE A 174 8.19 12.16 24.69
C ILE A 174 8.85 12.88 23.52
N LEU A 175 8.04 13.28 22.55
CA LEU A 175 8.52 14.09 21.44
C LEU A 175 8.50 15.58 21.80
N TYR A 176 9.65 16.23 21.77
CA TYR A 176 9.68 17.65 22.15
C TYR A 176 10.54 18.49 21.22
N PHE A 177 10.36 19.80 21.30
CA PHE A 177 10.96 20.74 20.37
C PHE A 177 11.62 21.91 21.10
N TRP A 178 12.67 22.48 20.50
CA TRP A 178 13.25 23.71 21.01
C TRP A 178 13.93 24.46 19.87
N GLY A 179 14.58 25.57 20.20
CA GLY A 179 15.17 26.41 19.18
C GLY A 179 16.29 27.31 19.66
N VAL A 180 17.01 27.87 18.69
CA VAL A 180 18.06 28.83 18.96
C VAL A 180 17.87 30.02 18.03
N HIS A 181 17.75 31.22 18.61
CA HIS A 181 17.49 32.40 17.78
C HIS A 181 18.78 32.96 17.20
N HIS A 182 18.73 33.33 15.92
CA HIS A 182 19.84 33.99 15.24
C HIS A 182 19.42 35.34 14.69
N PRO A 183 19.65 36.42 15.46
CA PRO A 183 19.27 37.78 15.06
C PRO A 183 20.06 38.28 13.83
N LEU A 184 19.50 39.28 13.15
CA LEU A 184 20.12 39.79 11.93
C LEU A 184 21.35 40.66 12.20
N ASP A 185 21.39 41.37 13.33
CA ASP A 185 22.58 42.14 13.70
C ASP A 185 22.81 42.16 15.21
N THR A 186 23.80 42.92 15.64
CA THR A 186 24.28 42.84 17.02
C THR A 186 23.52 43.74 18.00
N THR A 187 22.72 44.66 17.48
CA THR A 187 21.89 45.49 18.34
C THR A 187 20.61 44.76 18.72
N VAL A 188 19.97 44.12 17.74
CA VAL A 188 18.81 43.27 18.02
C VAL A 188 19.18 42.19 19.04
N GLN A 189 20.38 41.63 18.89
CA GLN A 189 20.92 40.70 19.87
C GLN A 189 20.97 41.29 21.28
N ASP A 190 21.43 42.52 21.41
CA ASP A 190 21.57 43.14 22.73
C ASP A 190 20.23 43.59 23.28
N ASN A 191 19.37 44.14 22.41
CA ASN A 191 18.01 44.50 22.80
C ASN A 191 17.25 43.34 23.44
N LEU A 192 17.56 42.11 23.02
CA LEU A 192 16.79 40.94 23.44
C LEU A 192 17.48 40.11 24.53
N TYR A 193 18.79 39.92 24.43
CA TYR A 193 19.48 38.98 25.31
C TYR A 193 20.64 39.60 26.08
N GLY A 194 20.93 40.87 25.79
CA GLY A 194 22.01 41.57 26.45
C GLY A 194 23.35 41.27 25.81
N SER A 195 24.43 41.66 26.49
CA SER A 195 25.77 41.45 25.95
C SER A 195 26.36 40.15 26.49
N GLY A 196 27.45 39.71 25.87
CA GLY A 196 28.13 38.49 26.29
C GLY A 196 27.94 37.35 25.32
N ASP A 197 28.81 36.34 25.44
CA ASP A 197 28.74 35.16 24.60
C ASP A 197 27.66 34.20 25.11
N LYS A 198 26.64 33.98 24.29
CA LYS A 198 25.49 33.19 24.68
C LYS A 198 25.56 31.75 24.19
N TYR A 199 24.80 30.87 24.84
CA TYR A 199 24.77 29.46 24.49
C TYR A 199 23.42 28.82 24.82
N VAL A 200 23.09 27.78 24.07
CA VAL A 200 21.99 26.90 24.40
C VAL A 200 22.52 25.49 24.54
N ARG A 201 22.48 24.96 25.75
CA ARG A 201 22.97 23.62 25.98
C ARG A 201 21.88 22.72 26.55
N MET A 202 21.80 21.51 26.00
CA MET A 202 20.79 20.54 26.42
C MET A 202 21.42 19.18 26.54
N GLY A 203 20.85 18.33 27.37
CA GLY A 203 21.43 17.02 27.60
C GLY A 203 20.50 16.04 28.27
N THR A 204 20.63 14.79 27.89
CA THR A 204 19.95 13.68 28.56
C THR A 204 21.01 12.64 28.86
N GLU A 205 20.58 11.47 29.29
CA GLU A 205 21.49 10.36 29.52
C GLU A 205 22.18 9.93 28.21
N SER A 206 21.51 10.10 27.08
CA SER A 206 22.01 9.55 25.82
C SER A 206 22.20 10.59 24.71
N MET A 207 21.99 11.87 25.04
CA MET A 207 22.06 12.92 24.02
C MET A 207 22.66 14.21 24.60
N ASN A 208 23.56 14.84 23.84
CA ASN A 208 24.06 16.16 24.18
C ASN A 208 23.75 17.15 23.07
N PHE A 209 23.53 18.40 23.45
CA PHE A 209 23.29 19.44 22.48
C PHE A 209 23.93 20.73 22.97
N ALA A 210 24.57 21.45 22.04
CA ALA A 210 25.21 22.72 22.37
C ALA A 210 25.29 23.57 21.11
N LYS A 211 24.74 24.78 21.17
CA LYS A 211 24.81 25.68 20.04
C LYS A 211 24.87 27.15 20.48
N SER A 212 25.49 27.97 19.64
CA SER A 212 25.58 29.41 19.87
C SER A 212 24.88 30.19 18.76
N PRO A 213 24.42 31.41 19.07
CA PRO A 213 23.84 32.25 18.03
C PRO A 213 24.84 32.66 16.96
N GLU A 214 24.40 32.63 15.70
CA GLU A 214 25.23 33.05 14.57
C GLU A 214 24.62 34.27 13.89
N ILE A 215 25.12 35.44 14.29
CA ILE A 215 24.52 36.72 13.92
C ILE A 215 24.86 37.16 12.50
N ALA A 216 23.83 37.32 11.68
CA ALA A 216 23.98 37.72 10.28
C ALA A 216 22.63 38.06 9.68
N ALA A 217 22.65 38.88 8.64
CA ALA A 217 21.41 39.28 7.96
C ALA A 217 21.11 38.33 6.80
N ARG A 218 20.04 37.55 6.95
CA ARG A 218 19.61 36.66 5.89
C ARG A 218 18.52 37.35 5.06
N PRO A 219 18.32 36.89 3.81
CA PRO A 219 17.23 37.42 3.00
C PRO A 219 15.89 37.42 3.74
N ALA A 220 15.08 38.44 3.51
CA ALA A 220 13.81 38.54 4.23
C ALA A 220 12.85 37.43 3.83
N VAL A 221 12.29 36.76 4.84
CA VAL A 221 11.22 35.79 4.64
C VAL A 221 10.14 36.07 5.68
N ASN A 222 8.89 36.22 5.23
CA ASN A 222 7.79 36.64 6.09
C ASN A 222 8.13 37.90 6.90
N GLY A 223 8.92 38.79 6.28
CA GLY A 223 9.32 40.03 6.90
C GLY A 223 10.46 39.94 7.90
N GLN A 224 11.17 38.82 7.94
CA GLN A 224 12.24 38.63 8.92
C GLN A 224 13.60 38.34 8.30
N ARG A 225 14.62 39.07 8.74
CA ARG A 225 15.98 38.85 8.28
C ARG A 225 16.72 38.01 9.31
N SER A 226 16.08 37.81 10.46
CA SER A 226 16.59 36.89 11.47
C SER A 226 16.16 35.46 11.14
N ARG A 227 16.66 34.51 11.94
CA ARG A 227 16.34 33.10 11.75
C ARG A 227 16.18 32.39 13.08
N ILE A 228 15.54 31.23 13.03
CA ILE A 228 15.54 30.32 14.16
C ILE A 228 15.98 28.94 13.68
N ASP A 229 16.92 28.33 14.39
CA ASP A 229 17.23 26.93 14.16
C ASP A 229 16.38 26.09 15.10
N TYR A 230 15.35 25.45 14.54
CA TYR A 230 14.46 24.57 15.30
C TYR A 230 15.06 23.18 15.48
N TYR A 231 14.78 22.52 16.59
CA TYR A 231 15.30 21.18 16.85
C TYR A 231 14.23 20.30 17.46
N TRP A 232 14.41 19.00 17.36
CA TRP A 232 13.50 18.06 18.00
C TRP A 232 14.29 16.91 18.54
N SER A 233 13.68 16.16 19.45
CA SER A 233 14.29 14.95 19.97
C SER A 233 13.22 14.13 20.66
N VAL A 234 13.63 12.96 21.15
CA VAL A 234 12.71 12.06 21.83
C VAL A 234 13.31 11.69 23.18
N LEU A 235 12.57 11.97 24.25
CA LEU A 235 13.00 11.62 25.60
C LEU A 235 12.41 10.25 25.96
N ARG A 236 13.26 9.25 26.09
CA ARG A 236 12.80 7.89 26.33
C ARG A 236 12.35 7.71 27.78
N PRO A 237 11.49 6.71 28.04
CA PRO A 237 11.05 6.44 29.42
C PRO A 237 12.21 6.17 30.36
N GLY A 238 12.27 6.92 31.46
CA GLY A 238 13.34 6.79 32.43
C GLY A 238 14.45 7.80 32.27
N GLU A 239 14.52 8.43 31.10
CA GLU A 239 15.52 9.47 30.86
C GLU A 239 15.04 10.78 31.45
N THR A 240 15.98 11.70 31.66
CA THR A 240 15.63 13.03 32.11
C THR A 240 16.37 14.07 31.28
N LEU A 241 15.74 15.21 31.08
CA LEU A 241 16.29 16.27 30.23
C LEU A 241 16.70 17.49 31.06
N ASN A 242 17.91 17.99 30.80
CA ASN A 242 18.39 19.22 31.43
C ASN A 242 18.59 20.34 30.42
N VAL A 243 17.92 21.46 30.62
CA VAL A 243 18.12 22.62 29.77
C VAL A 243 18.91 23.70 30.50
N GLU A 244 20.04 24.10 29.94
CA GLU A 244 20.83 25.19 30.50
C GLU A 244 21.13 26.20 29.41
N SER A 245 20.73 27.46 29.63
CA SER A 245 20.95 28.51 28.65
C SER A 245 21.12 29.89 29.27
N ASN A 246 21.88 30.74 28.59
CA ASN A 246 22.08 32.12 29.03
C ASN A 246 21.80 33.11 27.91
N GLY A 247 21.14 32.65 26.86
CA GLY A 247 20.75 33.51 25.75
C GLY A 247 20.18 32.74 24.57
N ASN A 248 19.31 33.42 23.82
CA ASN A 248 18.82 32.94 22.51
C ASN A 248 17.97 31.67 22.51
N LEU A 249 17.52 31.22 23.68
CA LEU A 249 16.77 29.99 23.76
C LEU A 249 15.30 30.14 23.36
N ILE A 250 14.87 29.35 22.38
CA ILE A 250 13.44 29.15 22.17
C ILE A 250 13.07 27.90 22.96
N ALA A 251 12.49 28.10 24.14
CA ALA A 251 12.33 27.02 25.10
C ALA A 251 11.22 26.02 24.73
N PRO A 252 11.41 24.75 25.10
CA PRO A 252 10.31 23.80 25.02
C PRO A 252 9.25 24.12 26.08
N TRP A 253 8.01 24.31 25.65
CA TRP A 253 6.90 24.62 26.54
C TRP A 253 5.99 23.39 26.65
N TYR A 254 5.27 23.10 25.58
CA TYR A 254 4.49 21.86 25.51
C TYR A 254 5.20 20.79 24.69
N ALA A 255 4.78 19.54 24.88
CA ALA A 255 5.42 18.41 24.24
C ALA A 255 4.41 17.28 24.09
N TYR A 256 4.82 16.20 23.46
CA TYR A 256 3.88 15.14 23.13
C TYR A 256 4.32 13.80 23.68
N LYS A 257 3.44 13.17 24.46
CA LYS A 257 3.64 11.77 24.78
C LYS A 257 3.26 10.98 23.54
N PHE A 258 4.18 10.15 23.08
CA PHE A 258 4.10 9.55 21.76
C PHE A 258 3.86 8.04 21.83
N VAL A 259 2.81 7.57 21.19
CA VAL A 259 2.54 6.13 21.12
C VAL A 259 2.96 5.55 19.78
N SER A 260 3.97 4.69 19.80
CA SER A 260 4.46 4.07 18.57
C SER A 260 3.51 2.99 18.05
N THR A 261 3.25 3.02 16.75
CA THR A 261 2.38 2.03 16.11
C THR A 261 3.09 0.69 15.94
N ASN A 262 2.30 -0.39 15.85
CA ASN A 262 2.86 -1.70 15.55
C ASN A 262 2.62 -2.00 14.07
N LYS A 263 1.61 -1.37 13.50
CA LYS A 263 1.38 -1.45 12.06
C LYS A 263 2.43 -0.64 11.28
N LYS A 264 2.08 -0.22 10.07
CA LYS A 264 3.06 0.37 9.17
C LYS A 264 3.15 1.89 9.28
N GLY A 265 2.00 2.57 9.21
CA GLY A 265 1.98 4.02 9.28
C GLY A 265 2.32 4.68 7.96
N ALA A 266 1.66 5.80 7.67
CA ALA A 266 1.87 6.46 6.39
C ALA A 266 1.59 7.95 6.49
N VAL A 267 2.27 8.73 5.66
CA VAL A 267 2.01 10.15 5.53
C VAL A 267 1.71 10.47 4.08
N PHE A 268 0.42 10.47 3.73
CA PHE A 268 0.01 10.70 2.34
C PHE A 268 -0.08 12.18 2.01
N LYS A 269 0.67 12.62 0.99
CA LYS A 269 0.50 13.96 0.44
C LYS A 269 -0.49 13.90 -0.71
N SER A 270 -1.69 14.42 -0.45
CA SER A 270 -2.79 14.24 -1.38
C SER A 270 -3.90 15.26 -1.13
N ASP A 271 -4.65 15.61 -2.17
CA ASP A 271 -5.80 16.49 -2.01
C ASP A 271 -7.13 15.74 -2.13
N LEU A 272 -7.09 14.43 -1.97
CA LEU A 272 -8.29 13.60 -2.05
C LEU A 272 -9.19 13.78 -0.84
N PRO A 273 -10.51 13.69 -1.04
CA PRO A 273 -11.48 13.84 0.05
C PRO A 273 -11.42 12.72 1.07
N ILE A 274 -11.49 13.08 2.35
CA ILE A 274 -11.69 12.14 3.45
C ILE A 274 -13.18 12.00 3.72
N GLU A 275 -13.71 10.79 3.62
CA GLU A 275 -15.14 10.59 3.75
C GLU A 275 -15.47 9.59 4.87
N ASN A 276 -16.75 9.45 5.17
CA ASN A 276 -17.19 8.60 6.26
C ASN A 276 -17.47 7.17 5.80
N CYS A 277 -16.40 6.38 5.68
CA CYS A 277 -16.49 5.01 5.21
C CYS A 277 -15.34 4.18 5.78
N ASP A 278 -15.42 2.87 5.60
CA ASP A 278 -14.34 1.99 6.08
C ASP A 278 -13.63 1.26 4.96
N ALA A 279 -12.39 0.89 5.22
CA ALA A 279 -11.59 0.18 4.24
C ALA A 279 -10.60 -0.74 4.93
N THR A 280 -10.12 -1.73 4.19
CA THR A 280 -9.03 -2.58 4.68
C THR A 280 -7.75 -2.26 3.90
N CYS A 281 -7.92 -1.65 2.73
CA CYS A 281 -6.81 -1.34 1.86
C CYS A 281 -6.88 0.10 1.37
N GLN A 282 -5.92 0.92 1.79
CA GLN A 282 -5.93 2.34 1.43
C GLN A 282 -4.63 2.74 0.73
N THR A 283 -4.72 3.04 -0.56
CA THR A 283 -3.55 3.53 -1.27
C THR A 283 -3.62 5.04 -1.33
N ILE A 284 -2.51 5.67 -1.66
CA ILE A 284 -2.42 7.11 -1.69
C ILE A 284 -3.36 7.72 -2.72
N THR A 285 -3.78 6.93 -3.70
CA THR A 285 -4.64 7.44 -4.77
C THR A 285 -6.05 6.87 -4.71
N GLY A 286 -6.38 6.16 -3.62
CA GLY A 286 -7.72 5.67 -3.44
C GLY A 286 -7.84 4.33 -2.72
N VAL A 287 -9.06 4.00 -2.31
CA VAL A 287 -9.38 2.72 -1.68
C VAL A 287 -9.47 1.61 -2.71
N LEU A 288 -9.01 0.42 -2.35
CA LEU A 288 -9.23 -0.78 -3.18
C LEU A 288 -10.16 -1.74 -2.45
N ARG A 289 -11.24 -2.13 -3.10
CA ARG A 289 -12.10 -3.14 -2.53
C ARG A 289 -12.04 -4.40 -3.41
N THR A 290 -11.20 -5.35 -3.02
CA THR A 290 -10.97 -6.55 -3.84
C THR A 290 -10.64 -7.81 -3.11
N ASN A 291 -10.79 -8.90 -3.85
CA ASN A 291 -10.29 -10.22 -3.49
C ASN A 291 -9.08 -10.56 -4.37
N LYS A 292 -8.84 -9.72 -5.37
CA LYS A 292 -7.81 -10.00 -6.36
C LYS A 292 -6.41 -9.92 -5.79
N THR A 293 -5.49 -10.56 -6.48
CA THR A 293 -4.14 -10.86 -5.99
C THR A 293 -3.14 -9.75 -6.34
N PHE A 294 -3.40 -9.08 -7.45
CA PHE A 294 -2.55 -8.02 -7.95
C PHE A 294 -3.34 -6.73 -8.08
N GLN A 295 -2.62 -5.60 -8.17
CA GLN A 295 -3.25 -4.32 -8.48
C GLN A 295 -2.24 -3.41 -9.15
N ASN A 296 -2.71 -2.59 -10.09
CA ASN A 296 -1.83 -1.65 -10.77
C ASN A 296 -2.15 -0.18 -10.43
N VAL A 297 -2.69 0.03 -9.23
CA VAL A 297 -3.13 1.37 -8.84
C VAL A 297 -2.02 2.19 -8.19
N SER A 298 -1.37 1.63 -7.17
CA SER A 298 -0.29 2.31 -6.47
C SER A 298 0.61 1.38 -5.63
N PRO A 299 1.93 1.65 -5.63
CA PRO A 299 2.89 1.01 -4.73
C PRO A 299 2.79 1.51 -3.28
N LEU A 300 2.06 2.60 -3.07
CA LEU A 300 2.03 3.29 -1.79
C LEU A 300 0.71 3.07 -1.08
N TRP A 301 0.74 2.40 0.06
CA TRP A 301 -0.50 2.11 0.75
C TRP A 301 -0.32 1.83 2.22
N ILE A 302 -1.45 1.80 2.91
CA ILE A 302 -1.54 1.36 4.29
C ILE A 302 -2.66 0.33 4.32
N GLY A 303 -2.62 -0.60 5.27
CA GLY A 303 -3.58 -1.68 5.31
C GLY A 303 -3.07 -2.90 4.56
N GLU A 304 -3.96 -3.83 4.24
CA GLU A 304 -3.58 -5.06 3.56
C GLU A 304 -4.00 -5.04 2.09
N CYS A 305 -3.05 -4.79 1.21
CA CYS A 305 -3.33 -4.56 -0.21
C CYS A 305 -2.81 -5.67 -1.10
N PRO A 306 -3.32 -5.76 -2.33
CA PRO A 306 -2.75 -6.68 -3.33
C PRO A 306 -1.38 -6.22 -3.83
N LYS A 307 -0.59 -7.16 -4.33
CA LYS A 307 0.74 -6.87 -4.85
C LYS A 307 0.67 -5.88 -6.01
N TYR A 308 1.54 -4.87 -5.98
CA TYR A 308 1.56 -3.85 -7.02
C TYR A 308 2.40 -4.29 -8.22
N VAL A 309 1.90 -3.96 -9.40
CA VAL A 309 2.42 -4.52 -10.63
C VAL A 309 2.08 -3.55 -11.76
N LYS A 310 2.91 -3.47 -12.80
CA LYS A 310 2.67 -2.47 -13.85
C LYS A 310 1.69 -2.96 -14.91
N SER A 311 1.25 -4.21 -14.80
CA SER A 311 0.43 -4.83 -15.84
C SER A 311 -0.97 -4.24 -15.99
N GLU A 312 -1.47 -4.25 -17.21
CA GLU A 312 -2.84 -3.87 -17.48
C GLU A 312 -3.80 -5.00 -17.13
N SER A 313 -3.37 -6.23 -17.37
CA SER A 313 -4.19 -7.41 -17.17
C SER A 313 -3.38 -8.66 -16.83
N LEU A 314 -3.92 -9.48 -15.95
CA LEU A 314 -3.30 -10.76 -15.62
C LEU A 314 -4.41 -11.82 -15.60
N ARG A 315 -4.92 -12.15 -16.79
CA ARG A 315 -6.01 -13.12 -16.93
C ARG A 315 -5.48 -14.55 -17.10
N LEU A 316 -5.88 -15.42 -16.19
CA LEU A 316 -5.49 -16.82 -16.18
C LEU A 316 -6.59 -17.71 -16.76
N ALA A 317 -6.24 -18.53 -17.75
CA ALA A 317 -7.20 -19.50 -18.29
C ALA A 317 -7.53 -20.56 -17.25
N THR A 318 -8.80 -20.88 -17.12
CA THR A 318 -9.17 -22.02 -16.30
C THR A 318 -9.83 -23.04 -17.19
N GLY A 319 -10.71 -22.56 -18.06
CA GLY A 319 -11.40 -23.42 -19.01
C GLY A 319 -10.53 -23.72 -20.21
N LEU A 320 -11.16 -24.20 -21.27
CA LEU A 320 -10.42 -24.65 -22.44
C LEU A 320 -10.63 -23.70 -23.59
N ARG A 321 -9.94 -23.95 -24.69
CA ARG A 321 -10.09 -23.12 -25.88
C ARG A 321 -11.54 -23.18 -26.40
N ASN A 322 -12.17 -22.02 -26.53
CA ASN A 322 -13.57 -21.95 -26.93
C ASN A 322 -13.71 -22.05 -28.43
N VAL A 323 -14.24 -23.18 -28.90
CA VAL A 323 -14.39 -23.44 -30.34
C VAL A 323 -15.84 -23.80 -30.66
N PRO A 324 -16.75 -22.81 -30.63
CA PRO A 324 -18.18 -23.12 -30.83
C PRO A 324 -18.48 -23.37 -32.31
N GLN A 325 -19.56 -24.10 -32.58
CA GLN A 325 -19.95 -24.33 -33.97
C GLN A 325 -21.46 -24.38 -34.14
N GLY B 1 -2.98 -27.03 -30.05
CA GLY B 1 -2.64 -27.86 -28.91
C GLY B 1 -1.73 -29.00 -29.32
N ILE B 2 -0.81 -29.36 -28.43
CA ILE B 2 0.18 -30.38 -28.77
C ILE B 2 -0.35 -31.81 -28.75
N PHE B 3 -1.54 -32.04 -28.21
CA PHE B 3 -2.03 -33.42 -28.18
C PHE B 3 -2.97 -33.72 -29.34
N GLY B 4 -3.39 -32.67 -30.05
CA GLY B 4 -4.01 -32.85 -31.34
C GLY B 4 -5.51 -33.02 -31.36
N ALA B 5 -6.14 -32.99 -30.19
CA ALA B 5 -7.58 -33.20 -30.07
C ALA B 5 -8.39 -31.91 -30.21
N ILE B 6 -8.27 -31.00 -29.24
CA ILE B 6 -9.04 -29.77 -29.28
C ILE B 6 -8.66 -28.92 -30.49
N ALA B 7 -9.68 -28.43 -31.20
CA ALA B 7 -9.52 -27.78 -32.50
C ALA B 7 -8.53 -28.54 -33.39
N GLY B 8 -8.64 -29.86 -33.38
CA GLY B 8 -7.77 -30.74 -34.12
C GLY B 8 -8.63 -31.81 -34.78
N PHE B 9 -8.43 -33.07 -34.42
CA PHE B 9 -9.20 -34.10 -35.09
C PHE B 9 -10.64 -34.08 -34.58
N ILE B 10 -10.87 -33.45 -33.44
CA ILE B 10 -12.21 -33.09 -33.01
C ILE B 10 -12.36 -31.60 -33.26
N GLU B 11 -12.90 -31.26 -34.42
CA GLU B 11 -12.79 -29.92 -35.00
C GLU B 11 -13.35 -28.78 -34.15
N GLY B 12 -14.42 -29.04 -33.40
CA GLY B 12 -15.04 -28.00 -32.61
C GLY B 12 -15.63 -28.50 -31.32
N GLY B 13 -16.10 -27.56 -30.50
CA GLY B 13 -16.73 -27.90 -29.24
C GLY B 13 -18.25 -28.03 -29.35
N TRP B 14 -18.86 -28.39 -28.23
CA TRP B 14 -20.31 -28.57 -28.13
C TRP B 14 -20.97 -27.54 -27.21
N THR B 15 -21.65 -26.56 -27.77
CA THR B 15 -22.45 -25.65 -26.96
C THR B 15 -23.59 -26.39 -26.25
N GLY B 16 -23.98 -27.54 -26.82
CA GLY B 16 -25.06 -28.35 -26.27
C GLY B 16 -24.71 -29.14 -25.03
N MET B 17 -23.42 -29.25 -24.73
CA MET B 17 -23.00 -29.94 -23.51
C MET B 17 -22.67 -28.89 -22.47
N ILE B 18 -23.56 -28.74 -21.50
CA ILE B 18 -23.53 -27.61 -20.58
C ILE B 18 -23.04 -27.98 -19.19
N ASP B 19 -23.02 -29.28 -18.87
CA ASP B 19 -22.77 -29.73 -17.50
C ASP B 19 -21.32 -30.18 -17.22
N GLY B 20 -20.39 -29.83 -18.11
CA GLY B 20 -19.01 -30.21 -17.90
C GLY B 20 -18.08 -29.84 -19.03
N TRP B 21 -16.80 -30.15 -18.87
CA TRP B 21 -15.77 -29.74 -19.81
C TRP B 21 -15.56 -30.78 -20.91
N TYR B 22 -15.58 -32.06 -20.53
CA TYR B 22 -15.42 -33.15 -21.48
C TYR B 22 -16.57 -34.13 -21.36
N GLY B 23 -16.98 -34.73 -22.47
CA GLY B 23 -18.05 -35.70 -22.41
C GLY B 23 -18.42 -36.38 -23.71
N TYR B 24 -19.69 -36.77 -23.81
CA TYR B 24 -20.13 -37.63 -24.89
C TYR B 24 -21.39 -37.13 -25.59
N HIS B 25 -21.53 -37.54 -26.83
CA HIS B 25 -22.78 -37.41 -27.55
C HIS B 25 -23.13 -38.79 -28.07
N HIS B 26 -24.29 -39.31 -27.68
CA HIS B 26 -24.69 -40.63 -28.15
C HIS B 26 -25.91 -40.54 -29.05
N GLU B 27 -26.10 -41.57 -29.85
CA GLU B 27 -27.24 -41.60 -30.73
C GLU B 27 -27.64 -43.04 -30.97
N ASN B 28 -28.87 -43.39 -30.60
CA ASN B 28 -29.39 -44.72 -30.87
C ASN B 28 -30.91 -44.67 -31.11
N SER B 29 -31.57 -45.82 -31.10
CA SER B 29 -33.01 -45.89 -31.40
C SER B 29 -33.85 -45.03 -30.45
N GLN B 30 -33.45 -44.97 -29.18
CA GLN B 30 -34.11 -44.12 -28.19
C GLN B 30 -33.83 -42.62 -28.38
N GLY B 31 -32.90 -42.28 -29.27
CA GLY B 31 -32.61 -40.89 -29.56
C GLY B 31 -31.21 -40.39 -29.21
N SER B 32 -31.10 -39.07 -29.03
CA SER B 32 -29.82 -38.36 -28.94
C SER B 32 -29.67 -37.55 -27.66
N GLY B 33 -28.43 -37.27 -27.27
CA GLY B 33 -28.19 -36.48 -26.07
C GLY B 33 -26.72 -36.25 -25.74
N TYR B 34 -26.46 -35.18 -25.00
CA TYR B 34 -25.13 -34.89 -24.46
C TYR B 34 -25.03 -35.33 -23.02
N ALA B 35 -23.85 -35.77 -22.60
CA ALA B 35 -23.61 -36.06 -21.20
C ALA B 35 -22.15 -35.81 -20.82
N ALA B 36 -21.94 -35.06 -19.76
CA ALA B 36 -20.60 -34.82 -19.25
C ALA B 36 -19.97 -36.11 -18.75
N ASP B 37 -18.67 -36.26 -18.93
CA ASP B 37 -17.92 -37.28 -18.20
C ASP B 37 -17.47 -36.66 -16.89
N ARG B 38 -18.08 -37.07 -15.78
CA ARG B 38 -17.87 -36.38 -14.51
C ARG B 38 -16.54 -36.68 -13.86
N GLU B 39 -16.01 -37.89 -14.06
CA GLU B 39 -14.75 -38.27 -13.44
C GLU B 39 -13.60 -37.40 -13.96
N SER B 40 -13.48 -37.28 -15.29
CA SER B 40 -12.38 -36.54 -15.87
C SER B 40 -12.60 -35.03 -15.77
N THR B 41 -13.87 -34.61 -15.81
CA THR B 41 -14.18 -33.20 -15.61
C THR B 41 -13.82 -32.78 -14.19
N GLN B 42 -14.22 -33.57 -13.20
CA GLN B 42 -13.98 -33.21 -11.79
C GLN B 42 -12.50 -33.20 -11.50
N LYS B 43 -11.79 -34.16 -12.07
CA LYS B 43 -10.35 -34.28 -11.86
C LYS B 43 -9.64 -33.05 -12.44
N ALA B 44 -10.13 -32.57 -13.58
CA ALA B 44 -9.56 -31.37 -14.21
C ALA B 44 -9.87 -30.12 -13.40
N ILE B 45 -11.11 -30.01 -12.90
CA ILE B 45 -11.50 -28.88 -12.06
C ILE B 45 -10.64 -28.85 -10.79
N ASP B 46 -10.41 -30.00 -10.18
CA ASP B 46 -9.62 -30.05 -8.94
C ASP B 46 -8.17 -29.63 -9.23
N GLY B 47 -7.63 -30.09 -10.35
CA GLY B 47 -6.27 -29.77 -10.74
C GLY B 47 -6.05 -28.29 -11.02
N ILE B 48 -6.96 -27.70 -11.78
CA ILE B 48 -6.84 -26.30 -12.16
C ILE B 48 -7.16 -25.35 -11.00
N THR B 49 -8.13 -25.74 -10.18
CA THR B 49 -8.41 -25.04 -8.93
C THR B 49 -7.17 -25.03 -8.03
N ASN B 50 -6.47 -26.15 -8.01
CA ASN B 50 -5.27 -26.25 -7.21
C ASN B 50 -4.16 -25.38 -7.78
N LYS B 51 -4.12 -25.26 -9.10
CA LYS B 51 -3.11 -24.46 -9.76
C LYS B 51 -3.34 -22.97 -9.52
N VAL B 52 -4.59 -22.55 -9.66
CA VAL B 52 -4.99 -21.17 -9.40
C VAL B 52 -4.68 -20.79 -7.94
N ASN B 53 -5.07 -21.62 -6.98
CA ASN B 53 -4.80 -21.31 -5.58
C ASN B 53 -3.32 -21.29 -5.23
N SER B 54 -2.52 -22.14 -5.88
CA SER B 54 -1.09 -22.16 -5.58
C SER B 54 -0.42 -20.90 -6.09
N ILE B 55 -0.85 -20.44 -7.25
CA ILE B 55 -0.34 -19.19 -7.78
C ILE B 55 -0.74 -18.04 -6.87
N ILE B 56 -2.01 -18.01 -6.50
CA ILE B 56 -2.51 -16.99 -5.60
C ILE B 56 -1.76 -17.01 -4.26
N ASN B 57 -1.41 -18.19 -3.77
CA ASN B 57 -0.67 -18.28 -2.50
C ASN B 57 0.81 -17.89 -2.61
N LYS B 58 1.46 -18.19 -3.73
CA LYS B 58 2.88 -17.85 -3.87
C LYS B 58 3.06 -16.36 -4.09
N MET B 59 2.02 -15.72 -4.60
CA MET B 59 2.03 -14.27 -4.84
C MET B 59 1.51 -13.48 -3.65
N ASN B 60 1.40 -14.12 -2.50
CA ASN B 60 0.73 -13.55 -1.32
C ASN B 60 1.65 -12.76 -0.40
N THR B 61 2.74 -12.22 -0.95
CA THR B 61 3.54 -11.27 -0.20
C THR B 61 3.55 -9.97 -0.98
N GLN B 62 3.89 -8.87 -0.32
CA GLN B 62 3.95 -7.59 -1.00
C GLN B 62 5.23 -6.87 -0.65
N PHE B 63 5.88 -6.30 -1.67
CA PHE B 63 6.95 -5.38 -1.41
C PHE B 63 6.39 -4.01 -1.00
N GLU B 64 6.88 -3.46 0.10
CA GLU B 64 6.28 -2.22 0.61
C GLU B 64 7.13 -1.00 0.30
N ALA B 65 6.66 -0.19 -0.64
CA ALA B 65 7.24 1.12 -0.90
C ALA B 65 6.88 2.08 0.24
N VAL B 66 7.78 3.01 0.53
CA VAL B 66 7.50 4.05 1.52
C VAL B 66 7.76 5.39 0.87
N ASP B 67 7.05 6.44 1.26
CA ASP B 67 7.53 7.74 0.79
C ASP B 67 8.04 8.54 1.99
N HIS B 68 9.08 7.98 2.59
CA HIS B 68 10.04 8.72 3.35
C HIS B 68 10.60 9.78 2.44
N GLU B 69 10.95 10.93 3.02
CA GLU B 69 11.48 12.01 2.19
C GLU B 69 12.99 12.09 2.31
N PHE B 70 13.60 12.79 1.37
CA PHE B 70 15.04 12.92 1.32
C PHE B 70 15.42 14.35 0.95
N SER B 71 16.31 14.95 1.72
CA SER B 71 16.72 16.33 1.48
C SER B 71 17.55 16.43 0.21
N ASN B 72 17.93 17.65 -0.15
CA ASN B 72 18.70 17.89 -1.37
C ASN B 72 20.15 17.44 -1.22
N LEU B 73 20.59 17.20 0.01
CA LEU B 73 21.92 16.64 0.26
C LEU B 73 21.86 15.13 0.49
N GLU B 74 20.72 14.54 0.15
CA GLU B 74 20.56 13.09 0.23
C GLU B 74 20.10 12.54 -1.12
N ARG B 75 20.66 13.11 -2.18
CA ARG B 75 20.36 12.69 -3.54
C ARG B 75 20.77 11.24 -3.79
N ARG B 76 21.90 10.82 -3.23
CA ARG B 76 22.39 9.46 -3.45
C ARG B 76 21.47 8.40 -2.81
N ILE B 77 21.12 8.55 -1.54
CA ILE B 77 20.25 7.56 -0.91
C ILE B 77 18.78 7.68 -1.34
N GLY B 78 18.36 8.88 -1.73
CA GLY B 78 17.02 9.05 -2.28
C GLY B 78 16.90 8.31 -3.61
N ASN B 79 17.99 8.28 -4.38
CA ASN B 79 17.99 7.61 -5.67
C ASN B 79 18.19 6.11 -5.48
N LEU B 80 18.92 5.75 -4.43
CA LEU B 80 19.07 4.36 -4.04
C LEU B 80 17.70 3.76 -3.72
N ASN B 81 16.87 4.51 -3.00
CA ASN B 81 15.54 4.06 -2.62
C ASN B 81 14.65 3.93 -3.84
N LYS B 82 14.76 4.87 -4.77
CA LYS B 82 13.97 4.83 -5.98
C LYS B 82 14.33 3.62 -6.86
N ARG B 83 15.62 3.39 -7.06
CA ARG B 83 16.07 2.31 -7.93
C ARG B 83 15.75 0.95 -7.34
N MET B 84 15.68 0.88 -6.02
CA MET B 84 15.38 -0.38 -5.37
C MET B 84 13.88 -0.70 -5.45
N GLU B 85 13.07 0.31 -5.19
CA GLU B 85 11.63 0.17 -5.32
C GLU B 85 11.25 -0.17 -6.76
N ASP B 86 11.80 0.57 -7.73
CA ASP B 86 11.57 0.23 -9.13
C ASP B 86 12.14 -1.15 -9.45
N GLY B 87 13.22 -1.53 -8.76
CA GLY B 87 13.84 -2.82 -8.95
C GLY B 87 12.88 -3.95 -8.68
N PHE B 88 12.21 -3.92 -7.53
CA PHE B 88 11.29 -4.99 -7.15
C PHE B 88 10.02 -4.92 -7.94
N LEU B 89 9.61 -3.71 -8.32
CA LEU B 89 8.44 -3.57 -9.17
C LEU B 89 8.65 -4.30 -10.49
N ASP B 90 9.86 -4.20 -11.03
CA ASP B 90 10.15 -4.80 -12.32
C ASP B 90 10.25 -6.33 -12.23
N VAL B 91 10.83 -6.88 -11.16
CA VAL B 91 10.94 -8.33 -11.13
C VAL B 91 9.57 -8.96 -10.82
N TRP B 92 8.73 -8.30 -10.03
CA TRP B 92 7.42 -8.87 -9.75
C TRP B 92 6.45 -8.78 -10.93
N THR B 93 6.58 -7.71 -11.73
CA THR B 93 5.81 -7.58 -12.95
C THR B 93 6.22 -8.66 -13.94
N TYR B 94 7.53 -8.87 -14.05
CA TYR B 94 8.09 -9.92 -14.90
C TYR B 94 7.57 -11.27 -14.45
N ASN B 95 7.68 -11.56 -13.16
CA ASN B 95 7.21 -12.84 -12.62
C ASN B 95 5.74 -13.11 -12.87
N ALA B 96 4.89 -12.12 -12.63
CA ALA B 96 3.46 -12.28 -12.79
C ALA B 96 3.10 -12.47 -14.27
N GLU B 97 3.65 -11.63 -15.15
CA GLU B 97 3.27 -11.65 -16.55
C GLU B 97 3.81 -12.89 -17.25
N LEU B 98 5.01 -13.29 -16.87
CA LEU B 98 5.62 -14.47 -17.46
C LEU B 98 4.93 -15.73 -16.96
N LEU B 99 4.58 -15.76 -15.67
CA LEU B 99 3.91 -16.93 -15.12
C LEU B 99 2.54 -17.16 -15.79
N VAL B 100 1.82 -16.07 -16.02
CA VAL B 100 0.49 -16.16 -16.61
C VAL B 100 0.56 -16.69 -18.06
N LEU B 101 1.56 -16.26 -18.83
CA LEU B 101 1.72 -16.70 -20.21
C LEU B 101 2.09 -18.18 -20.26
N LEU B 102 2.97 -18.57 -19.34
CA LEU B 102 3.44 -19.93 -19.28
C LEU B 102 2.33 -20.87 -18.79
N GLU B 103 1.62 -20.46 -17.75
CA GLU B 103 0.58 -21.30 -17.19
C GLU B 103 -0.62 -21.43 -18.13
N ASN B 104 -0.92 -20.37 -18.90
CA ASN B 104 -2.01 -20.44 -19.86
C ASN B 104 -1.74 -21.48 -20.93
N GLU B 105 -0.50 -21.51 -21.40
CA GLU B 105 -0.13 -22.43 -22.46
C GLU B 105 -0.28 -23.88 -21.99
N ARG B 106 0.10 -24.12 -20.74
CA ARG B 106 0.11 -25.46 -20.19
C ARG B 106 -1.30 -25.87 -19.77
N THR B 107 -2.11 -24.91 -19.35
CA THR B 107 -3.49 -25.20 -18.98
C THR B 107 -4.30 -25.66 -20.21
N LEU B 108 -4.17 -24.96 -21.32
CA LEU B 108 -4.84 -25.35 -22.55
C LEU B 108 -4.37 -26.73 -23.02
N ASP B 109 -3.07 -26.98 -22.88
CA ASP B 109 -2.48 -28.30 -23.18
C ASP B 109 -3.06 -29.41 -22.33
N LEU B 110 -3.28 -29.12 -21.05
CA LEU B 110 -3.85 -30.10 -20.13
C LEU B 110 -5.25 -30.55 -20.58
N HIS B 111 -6.10 -29.59 -20.93
CA HIS B 111 -7.44 -29.87 -21.46
C HIS B 111 -7.39 -30.71 -22.73
N ASP B 112 -6.49 -30.31 -23.62
CA ASP B 112 -6.23 -31.03 -24.86
C ASP B 112 -5.82 -32.49 -24.58
N ALA B 113 -4.92 -32.69 -23.62
CA ALA B 113 -4.53 -34.02 -23.23
C ALA B 113 -5.72 -34.81 -22.70
N ASN B 114 -6.56 -34.16 -21.90
CA ASN B 114 -7.69 -34.83 -21.26
C ASN B 114 -8.76 -35.31 -22.26
N VAL B 115 -9.03 -34.52 -23.30
CA VAL B 115 -9.95 -34.93 -24.35
C VAL B 115 -9.35 -36.11 -25.10
N LYS B 116 -8.07 -36.01 -25.43
CA LYS B 116 -7.35 -37.11 -26.08
C LYS B 116 -7.43 -38.41 -25.29
N ASN B 117 -7.15 -38.37 -23.99
CA ASN B 117 -7.16 -39.60 -23.19
C ASN B 117 -8.58 -40.18 -23.06
N LEU B 118 -9.57 -39.30 -23.04
CA LEU B 118 -10.96 -39.73 -22.94
C LEU B 118 -11.36 -40.49 -24.21
N TYR B 119 -11.01 -39.90 -25.34
CA TYR B 119 -11.14 -40.55 -26.64
C TYR B 119 -10.42 -41.91 -26.69
N GLU B 120 -9.23 -42.00 -26.12
CA GLU B 120 -8.48 -43.24 -26.12
C GLU B 120 -9.14 -44.30 -25.25
N LYS B 121 -9.69 -43.87 -24.11
CA LYS B 121 -10.36 -44.76 -23.17
C LYS B 121 -11.52 -45.46 -23.87
N VAL B 122 -12.23 -44.73 -24.71
CA VAL B 122 -13.39 -45.27 -25.40
C VAL B 122 -12.95 -46.15 -26.56
N LYS B 123 -11.93 -45.72 -27.30
CA LYS B 123 -11.41 -46.50 -28.42
C LYS B 123 -10.93 -47.87 -27.95
N SER B 124 -10.26 -47.88 -26.80
CA SER B 124 -9.70 -49.08 -26.19
C SER B 124 -10.78 -50.06 -25.72
N GLN B 125 -11.95 -49.52 -25.39
CA GLN B 125 -13.08 -50.33 -24.95
C GLN B 125 -13.81 -51.01 -26.10
N LEU B 126 -14.01 -50.27 -27.19
CA LEU B 126 -14.84 -50.75 -28.29
C LEU B 126 -14.10 -51.72 -29.20
N ARG B 127 -12.85 -51.39 -29.53
CA ARG B 127 -12.00 -52.21 -30.39
C ARG B 127 -12.70 -52.50 -31.71
N ASP B 128 -12.89 -53.78 -32.01
CA ASP B 128 -13.59 -54.26 -33.21
C ASP B 128 -15.04 -53.80 -33.33
N ASN B 129 -15.72 -53.71 -32.19
CA ASN B 129 -17.17 -53.57 -32.17
C ASN B 129 -17.69 -52.24 -32.67
N ALA B 130 -16.79 -51.32 -33.00
CA ALA B 130 -17.21 -50.05 -33.58
C ALA B 130 -16.21 -49.53 -34.59
N ASN B 131 -16.69 -48.69 -35.49
CA ASN B 131 -15.88 -48.03 -36.51
C ASN B 131 -15.45 -46.62 -36.07
N ASP B 132 -14.15 -46.41 -35.91
CA ASP B 132 -13.56 -45.11 -35.60
C ASP B 132 -13.61 -44.20 -36.81
N LEU B 133 -14.42 -43.14 -36.75
CA LEU B 133 -14.63 -42.25 -37.90
C LEU B 133 -13.52 -41.20 -38.07
N GLY B 134 -12.62 -41.10 -37.10
CA GLY B 134 -11.51 -40.15 -37.17
C GLY B 134 -11.78 -38.75 -36.63
N ASN B 135 -12.99 -38.52 -36.14
CA ASN B 135 -13.38 -37.21 -35.64
C ASN B 135 -13.91 -37.27 -34.22
N GLY B 136 -13.55 -38.33 -33.51
CA GLY B 136 -14.03 -38.54 -32.16
C GLY B 136 -15.32 -39.36 -32.09
N CYS B 137 -15.88 -39.72 -33.24
CA CYS B 137 -17.11 -40.50 -33.26
C CYS B 137 -16.87 -41.98 -33.59
N PHE B 138 -17.63 -42.84 -32.92
CA PHE B 138 -17.57 -44.27 -33.17
C PHE B 138 -18.93 -44.81 -33.62
N GLU B 139 -18.98 -45.43 -34.79
CA GLU B 139 -20.20 -46.08 -35.25
C GLU B 139 -20.19 -47.55 -34.84
N PHE B 140 -21.11 -47.95 -33.98
CA PHE B 140 -21.23 -49.34 -33.55
C PHE B 140 -21.64 -50.27 -34.71
N TRP B 141 -21.15 -51.50 -34.69
CA TRP B 141 -21.61 -52.50 -35.66
C TRP B 141 -22.81 -53.25 -35.11
N HIS B 142 -22.96 -53.22 -33.78
CA HIS B 142 -24.09 -53.82 -33.11
C HIS B 142 -25.03 -52.75 -32.53
N LYS B 143 -26.23 -53.15 -32.15
CA LYS B 143 -27.16 -52.22 -31.53
C LYS B 143 -26.68 -51.90 -30.12
N CYS B 144 -26.68 -50.61 -29.80
CA CYS B 144 -26.27 -50.16 -28.50
C CYS B 144 -27.40 -49.36 -27.86
N ASP B 145 -28.13 -50.00 -26.96
CA ASP B 145 -29.23 -49.30 -26.29
C ASP B 145 -28.70 -48.36 -25.21
N ASN B 146 -29.57 -47.88 -24.34
CA ASN B 146 -29.19 -46.91 -23.33
C ASN B 146 -28.24 -47.47 -22.25
N GLU B 147 -28.38 -48.75 -21.94
CA GLU B 147 -27.51 -49.36 -20.94
C GLU B 147 -26.17 -49.74 -21.56
N CYS B 148 -26.18 -50.01 -22.85
CA CYS B 148 -24.93 -50.20 -23.58
C CYS B 148 -24.14 -48.90 -23.62
N MET B 149 -24.81 -47.79 -23.96
CA MET B 149 -24.21 -46.46 -23.93
C MET B 149 -23.62 -46.15 -22.57
N GLU B 150 -24.41 -46.37 -21.53
CA GLU B 150 -23.99 -46.03 -20.18
C GLU B 150 -22.79 -46.87 -19.74
N SER B 151 -22.65 -48.08 -20.31
CA SER B 151 -21.53 -48.93 -19.91
C SER B 151 -20.24 -48.46 -20.57
N VAL B 152 -20.34 -47.82 -21.74
CA VAL B 152 -19.18 -47.19 -22.37
C VAL B 152 -18.73 -45.95 -21.56
N LYS B 153 -19.67 -45.09 -21.23
CA LYS B 153 -19.40 -43.92 -20.43
C LYS B 153 -18.80 -44.23 -19.04
N ASN B 154 -19.26 -45.28 -18.39
CA ASN B 154 -18.74 -45.58 -17.05
C ASN B 154 -17.58 -46.56 -17.10
N GLY B 155 -17.14 -46.86 -18.33
CA GLY B 155 -15.96 -47.68 -18.56
C GLY B 155 -16.08 -49.14 -18.17
N THR B 156 -17.24 -49.72 -18.41
CA THR B 156 -17.47 -51.13 -18.09
C THR B 156 -18.08 -51.87 -19.28
N TYR B 157 -17.87 -51.31 -20.47
CA TYR B 157 -18.39 -51.89 -21.69
C TYR B 157 -17.95 -53.34 -21.82
N ASP B 158 -18.91 -54.21 -22.10
CA ASP B 158 -18.66 -55.65 -22.12
C ASP B 158 -18.44 -56.14 -23.54
N TYR B 159 -17.18 -56.21 -23.93
CA TYR B 159 -16.81 -56.60 -25.29
C TYR B 159 -17.26 -58.01 -25.72
N PRO B 160 -17.06 -59.05 -24.86
CA PRO B 160 -17.41 -60.41 -25.30
C PRO B 160 -18.87 -60.61 -25.75
N LYS B 161 -19.80 -59.78 -25.26
CA LYS B 161 -21.17 -59.81 -25.76
C LYS B 161 -21.24 -59.25 -27.19
N TYR B 162 -22.47 -58.96 -27.63
CA TYR B 162 -22.70 -58.33 -28.93
C TYR B 162 -22.09 -59.12 -30.09
#